data_4WI0
#
_entry.id   4WI0
#
_cell.length_a   38.540
_cell.length_b   88.300
_cell.length_c   92.020
_cell.angle_alpha   90.000
_cell.angle_beta   90.000
_cell.angle_gamma   90.000
#
_symmetry.space_group_name_H-M   'P 21 21 21'
#
loop_
_entity.id
_entity.type
_entity.pdbx_description
1 polymer 'Cellulosomal scaffoldin adaptor protein B'
2 polymer 'Cellulosomal scaffoldin'
3 non-polymer 'CALCIUM ION'
4 water water
#
loop_
_entity_poly.entity_id
_entity_poly.type
_entity_poly.pdbx_seq_one_letter_code
_entity_poly.pdbx_strand_id
1 'polypeptide(L)'
;MESYITMNFDKNTAEVGQIIKATVKINKITNFSGYQVNIKYDPTVLQAVNPKTGVAYTNSSLPTSGELLVNEDYGPIVQG
VHKISEGILNLSRSYTALDVYRASESPEETGTVAVVGFKALQKKATTVVFEHSVTMPNGIIGTTLFNWYGNRITSGYSVI
QPGEINSE
;
A
2 'polypeptide(L)'
;GTTVSGYINPDFVTTSTTAPIVKAGFTVEIVGTTKSAVTDSNGYFEIKDVAAGTYTVKITKANYLTREIANVSVTADKEL
STSASPILMWAGDMAIGGTQDGAINLEDILEICKAFNTSSTDAKYQVGLDLNRDGAISLEDVMIVAKHFGKVSSDY
;
B
#
loop_
_chem_comp.id
_chem_comp.type
_chem_comp.name
_chem_comp.formula
CA non-polymer 'CALCIUM ION' 'Ca 2'
#
# COMPACT_ATOMS: atom_id res chain seq x y z
N MET A 1 -21.64 12.46 -4.05
CA MET A 1 -21.10 11.11 -3.72
C MET A 1 -21.91 10.41 -2.63
N GLU A 2 -22.60 9.32 -2.98
CA GLU A 2 -23.23 8.45 -1.98
C GLU A 2 -22.30 7.31 -1.57
N SER A 3 -21.19 7.18 -2.28
CA SER A 3 -20.03 6.43 -1.81
C SER A 3 -19.27 7.30 -0.84
N TYR A 4 -18.93 6.77 0.34
CA TYR A 4 -18.22 7.58 1.33
C TYR A 4 -17.45 6.76 2.37
N ILE A 5 -16.55 7.47 3.06
CA ILE A 5 -15.99 7.02 4.33
C ILE A 5 -16.31 8.10 5.38
N THR A 6 -16.60 7.64 6.59
CA THR A 6 -16.98 8.54 7.67
C THR A 6 -16.67 7.93 9.03
N MET A 7 -16.86 8.73 10.06
CA MET A 7 -16.75 8.28 11.43
C MET A 7 -18.07 8.58 12.13
N ASN A 8 -18.58 7.59 12.85
CA ASN A 8 -19.81 7.75 13.62
C ASN A 8 -19.58 7.47 15.09
N PHE A 9 -20.18 8.28 15.95
CA PHE A 9 -20.10 8.08 17.40
C PHE A 9 -21.36 7.39 17.91
N ASP A 10 -21.19 6.46 18.86
CA ASP A 10 -22.35 5.88 19.53
C ASP A 10 -23.09 6.93 20.39
N LYS A 11 -22.36 7.95 20.83
CA LYS A 11 -22.96 9.11 21.48
C LYS A 11 -22.04 10.32 21.34
N ASN A 12 -22.61 11.53 21.37
CA ASN A 12 -21.79 12.73 21.20
C ASN A 12 -21.66 13.59 22.47
N THR A 13 -22.09 13.02 23.59
CA THR A 13 -21.88 13.60 24.91
C THR A 13 -21.11 12.61 25.77
N ALA A 14 -20.37 13.14 26.76
CA ALA A 14 -19.55 12.30 27.64
C ALA A 14 -19.08 13.03 28.89
N GLU A 15 -19.40 12.46 30.06
CA GLU A 15 -18.85 12.93 31.33
C GLU A 15 -17.40 12.48 31.41
N VAL A 16 -16.62 13.15 32.26
CA VAL A 16 -15.21 12.79 32.44
C VAL A 16 -15.09 11.32 32.85
N GLY A 17 -14.32 10.54 32.10
CA GLY A 17 -14.14 9.12 32.39
C GLY A 17 -14.94 8.20 31.49
N GLN A 18 -16.01 8.72 30.88
CA GLN A 18 -16.84 7.92 29.99
C GLN A 18 -16.18 7.81 28.62
N ILE A 19 -16.50 6.74 27.91
CA ILE A 19 -15.87 6.44 26.64
C ILE A 19 -16.87 6.57 25.49
N ILE A 20 -16.46 7.30 24.46
CA ILE A 20 -17.18 7.35 23.20
C ILE A 20 -16.55 6.34 22.23
N LYS A 21 -17.37 5.46 21.66
CA LYS A 21 -16.91 4.57 20.59
C LYS A 21 -17.03 5.27 19.24
N ALA A 22 -15.90 5.45 18.57
CA ALA A 22 -15.84 6.06 17.24
C ALA A 22 -15.64 4.99 16.17
N THR A 23 -16.67 4.78 15.34
CA THR A 23 -16.64 3.74 14.33
C THR A 23 -16.37 4.34 12.95
N VAL A 24 -15.31 3.87 12.30
CA VAL A 24 -15.02 4.20 10.90
C VAL A 24 -15.86 3.28 10.02
N LYS A 25 -16.67 3.89 9.15
CA LYS A 25 -17.58 3.14 8.28
CA LYS A 25 -17.60 3.15 8.27
C LYS A 25 -17.43 3.56 6.81
N ILE A 26 -17.61 2.60 5.90
CA ILE A 26 -17.63 2.86 4.46
C ILE A 26 -19.00 2.53 3.85
N ASN A 27 -19.32 3.18 2.74
CA ASN A 27 -20.55 2.91 2.02
C ASN A 27 -20.28 2.88 0.52
N LYS A 28 -20.63 1.76 -0.11
CA LYS A 28 -20.50 1.58 -1.55
C LYS A 28 -19.11 1.95 -2.09
N ILE A 29 -18.08 1.32 -1.53
CA ILE A 29 -16.72 1.42 -2.06
C ILE A 29 -16.49 0.14 -2.83
N THR A 30 -16.35 0.25 -4.15
CA THR A 30 -16.39 -0.91 -5.02
C THR A 30 -15.18 -1.81 -4.81
N ASN A 31 -15.43 -3.10 -4.59
CA ASN A 31 -14.36 -4.09 -4.46
C ASN A 31 -13.28 -3.69 -3.44
N PHE A 32 -13.75 -3.17 -2.31
CA PHE A 32 -12.91 -2.61 -1.25
C PHE A 32 -12.02 -3.70 -0.64
N SER A 33 -10.72 -3.40 -0.52
CA SER A 33 -9.74 -4.36 0.03
C SER A 33 -8.89 -3.81 1.20
N GLY A 34 -9.03 -2.53 1.55
CA GLY A 34 -8.28 -2.01 2.68
C GLY A 34 -8.40 -0.52 2.80
N TYR A 35 -8.18 -0.02 4.01
CA TYR A 35 -8.17 1.42 4.29
C TYR A 35 -6.89 1.80 5.02
N GLN A 36 -6.53 3.08 4.91
CA GLN A 36 -5.60 3.72 5.83
C GLN A 36 -6.19 5.11 6.10
N VAL A 37 -6.25 5.49 7.37
CA VAL A 37 -6.79 6.81 7.73
C VAL A 37 -5.93 7.47 8.79
N ASN A 38 -5.86 8.79 8.69
CA ASN A 38 -5.10 9.62 9.60
C ASN A 38 -6.08 10.52 10.31
N ILE A 39 -6.11 10.42 11.64
CA ILE A 39 -7.12 11.09 12.46
C ILE A 39 -6.48 12.05 13.45
N LYS A 40 -7.07 13.25 13.56
CA LYS A 40 -6.59 14.25 14.51
C LYS A 40 -7.65 14.51 15.56
N TYR A 41 -7.23 14.45 16.83
CA TYR A 41 -8.06 14.80 17.98
C TYR A 41 -7.25 15.67 18.96
N ASP A 42 -7.94 16.25 19.95
CA ASP A 42 -7.28 17.07 20.98
C ASP A 42 -6.91 16.18 22.19
N PRO A 43 -5.60 15.90 22.37
CA PRO A 43 -5.20 14.95 23.42
C PRO A 43 -5.40 15.46 24.86
N THR A 44 -5.53 16.77 25.06
CA THR A 44 -5.85 17.32 26.39
C THR A 44 -7.34 17.20 26.75
N VAL A 45 -8.18 16.99 25.75
CA VAL A 45 -9.62 16.81 25.97
C VAL A 45 -10.01 15.34 25.88
N LEU A 46 -9.51 14.65 24.85
CA LEU A 46 -9.82 13.24 24.62
C LEU A 46 -8.58 12.37 24.66
N GLN A 47 -8.74 11.18 25.24
CA GLN A 47 -7.68 10.18 25.33
C GLN A 47 -8.07 8.97 24.49
N ALA A 48 -7.22 8.62 23.51
CA ALA A 48 -7.46 7.46 22.68
C ALA A 48 -7.29 6.19 23.51
N VAL A 49 -8.33 5.35 23.52
CA VAL A 49 -8.33 4.10 24.28
C VAL A 49 -8.98 2.97 23.48
N ASN A 50 -8.69 1.73 23.87
CA ASN A 50 -9.41 0.60 23.34
C ASN A 50 -10.89 0.74 23.68
N PRO A 51 -11.78 0.60 22.67
CA PRO A 51 -13.21 0.91 22.87
C PRO A 51 -13.95 -0.06 23.79
N LYS A 52 -13.44 -1.28 23.95
CA LYS A 52 -14.04 -2.26 24.85
C LYS A 52 -13.46 -2.24 26.26
N THR A 53 -12.15 -2.08 26.39
CA THR A 53 -11.48 -2.22 27.69
C THR A 53 -11.14 -0.90 28.38
N GLY A 54 -11.03 0.17 27.60
CA GLY A 54 -10.66 1.47 28.15
C GLY A 54 -9.17 1.69 28.33
N VAL A 55 -8.36 0.70 27.94
CA VAL A 55 -6.91 0.81 28.06
C VAL A 55 -6.38 1.88 27.10
N ALA A 56 -5.59 2.81 27.63
CA ALA A 56 -4.96 3.86 26.84
C ALA A 56 -4.17 3.32 25.64
N TYR A 57 -4.39 3.94 24.49
CA TYR A 57 -3.55 3.67 23.32
C TYR A 57 -2.13 4.11 23.60
N THR A 58 -1.18 3.30 23.15
CA THR A 58 0.22 3.70 23.04
C THR A 58 0.39 4.06 21.57
N ASN A 59 1.60 4.40 21.15
CA ASN A 59 1.85 4.77 19.75
C ASN A 59 1.88 3.57 18.77
N SER A 60 1.70 2.36 19.27
CA SER A 60 1.59 1.19 18.40
C SER A 60 0.26 0.44 18.53
N SER A 61 -0.70 0.98 19.30
CA SER A 61 -1.97 0.29 19.53
C SER A 61 -2.77 0.09 18.25
N LEU A 62 -3.45 -1.05 18.18
CA LEU A 62 -4.18 -1.45 16.98
C LEU A 62 -5.67 -1.11 17.08
N PRO A 63 -6.27 -0.66 15.96
CA PRO A 63 -7.71 -0.39 15.91
C PRO A 63 -8.51 -1.66 16.10
N THR A 64 -9.65 -1.58 16.77
CA THR A 64 -10.53 -2.72 16.98
C THR A 64 -11.26 -3.00 15.66
N SER A 65 -11.34 -4.27 15.28
CA SER A 65 -11.96 -4.66 14.00
C SER A 65 -13.47 -4.40 13.98
N GLY A 66 -13.98 -4.05 12.81
CA GLY A 66 -15.42 -3.96 12.57
C GLY A 66 -15.95 -5.17 11.81
N GLU A 67 -17.00 -4.94 11.03
CA GLU A 67 -17.66 -5.99 10.21
C GLU A 67 -16.80 -6.48 9.05
N LEU A 68 -16.08 -5.56 8.42
CA LEU A 68 -15.32 -5.88 7.22
C LEU A 68 -13.86 -6.21 7.56
N LEU A 69 -13.16 -6.78 6.59
CA LEU A 69 -11.72 -7.08 6.71
C LEU A 69 -11.37 -8.10 7.80
N VAL A 70 -12.29 -9.01 8.09
CA VAL A 70 -12.02 -10.03 9.12
C VAL A 70 -12.15 -11.47 8.59
N ASN A 71 -12.23 -11.63 7.27
CA ASN A 71 -12.18 -12.95 6.66
C ASN A 71 -10.72 -13.43 6.62
N GLU A 72 -10.40 -14.39 7.47
CA GLU A 72 -9.01 -14.87 7.56
CA GLU A 72 -9.04 -14.94 7.58
C GLU A 72 -8.52 -15.53 6.28
N ASP A 73 -9.42 -15.98 5.39
CA ASP A 73 -9.01 -16.59 4.11
C ASP A 73 -8.25 -15.62 3.18
N TYR A 74 -8.46 -14.31 3.37
CA TYR A 74 -7.83 -13.30 2.51
C TYR A 74 -6.62 -12.64 3.19
N GLY A 75 -6.26 -13.12 4.38
CA GLY A 75 -5.02 -12.71 5.05
C GLY A 75 -4.93 -11.26 5.44
N PRO A 76 -5.85 -10.79 6.30
CA PRO A 76 -5.83 -9.41 6.76
C PRO A 76 -4.59 -9.08 7.59
N ILE A 77 -4.12 -7.85 7.46
CA ILE A 77 -3.07 -7.32 8.31
C ILE A 77 -3.50 -5.95 8.79
N VAL A 78 -3.06 -5.58 9.99
CA VAL A 78 -3.53 -4.37 10.64
C VAL A 78 -2.34 -3.63 11.27
N GLN A 79 -2.37 -2.30 11.23
CA GLN A 79 -1.27 -1.50 11.74
C GLN A 79 -1.76 -0.23 12.42
N GLY A 80 -0.98 0.21 13.40
CA GLY A 80 -1.22 1.46 14.14
C GLY A 80 0.12 2.10 14.45
N VAL A 81 0.28 3.35 14.02
CA VAL A 81 1.53 4.08 14.16
C VAL A 81 1.16 5.53 14.47
N HIS A 82 1.14 5.88 15.75
CA HIS A 82 0.52 7.14 16.18
C HIS A 82 1.53 8.13 16.74
N LYS A 83 1.03 9.31 17.05
CA LYS A 83 1.76 10.32 17.80
C LYS A 83 0.79 10.85 18.83
N ILE A 84 0.55 10.05 19.88
CA ILE A 84 -0.51 10.36 20.84
C ILE A 84 -0.32 11.71 21.55
N SER A 85 0.93 12.16 21.70
CA SER A 85 1.18 13.49 22.27
C SER A 85 0.65 14.63 21.40
N GLU A 86 0.61 14.43 20.08
CA GLU A 86 0.05 15.43 19.15
C GLU A 86 -1.41 15.17 18.80
N GLY A 87 -2.02 14.15 19.40
CA GLY A 87 -3.38 13.77 19.08
C GLY A 87 -3.55 13.28 17.65
N ILE A 88 -2.59 12.50 17.17
CA ILE A 88 -2.67 11.92 15.83
C ILE A 88 -2.67 10.39 15.90
N LEU A 89 -3.70 9.77 15.34
CA LEU A 89 -3.71 8.33 15.11
C LEU A 89 -3.60 8.01 13.60
N ASN A 90 -2.90 6.94 13.28
CA ASN A 90 -2.84 6.45 11.91
C ASN A 90 -3.13 4.97 11.94
N LEU A 91 -4.21 4.58 11.27
CA LEU A 91 -4.77 3.24 11.35
C LEU A 91 -4.80 2.68 9.96
N SER A 92 -4.55 1.39 9.84
CA SER A 92 -4.58 0.74 8.58
C SER A 92 -4.90 -0.74 8.78
N ARG A 93 -5.79 -1.26 7.94
CA ARG A 93 -6.11 -2.70 7.88
C ARG A 93 -6.40 -3.06 6.41
N SER A 94 -5.93 -4.22 5.96
CA SER A 94 -6.13 -4.62 4.57
C SER A 94 -5.97 -6.11 4.34
N TYR A 95 -6.52 -6.60 3.24
CA TYR A 95 -6.33 -7.99 2.81
C TYR A 95 -5.07 -8.11 1.96
N THR A 96 -4.39 -9.24 2.05
CA THR A 96 -3.15 -9.46 1.31
C THR A 96 -3.26 -10.49 0.19
N ALA A 97 -4.14 -11.48 0.36
CA ALA A 97 -4.32 -12.53 -0.65
C ALA A 97 -5.42 -12.07 -1.59
N LEU A 98 -5.08 -11.13 -2.46
CA LEU A 98 -6.08 -10.43 -3.27
C LEU A 98 -6.71 -11.34 -4.32
N ASP A 99 -5.91 -12.28 -4.87
CA ASP A 99 -6.42 -13.23 -5.85
C ASP A 99 -7.49 -14.17 -5.26
N VAL A 100 -7.26 -14.64 -4.04
CA VAL A 100 -8.25 -15.44 -3.31
C VAL A 100 -9.53 -14.61 -3.09
N TYR A 101 -9.36 -13.35 -2.69
CA TYR A 101 -10.50 -12.47 -2.45
C TYR A 101 -11.36 -12.33 -3.71
N ARG A 102 -10.72 -12.05 -4.84
CA ARG A 102 -11.43 -11.91 -6.11
C ARG A 102 -12.14 -13.20 -6.53
N ALA A 103 -11.50 -14.34 -6.28
CA ALA A 103 -12.05 -15.65 -6.63
C ALA A 103 -13.36 -15.96 -5.90
N SER A 104 -13.58 -15.34 -4.75
CA SER A 104 -14.82 -15.53 -4.00
C SER A 104 -16.04 -14.91 -4.69
N GLU A 105 -15.81 -13.97 -5.59
CA GLU A 105 -16.87 -13.19 -6.25
C GLU A 105 -17.84 -12.57 -5.23
N SER A 106 -17.29 -12.14 -4.11
CA SER A 106 -18.10 -11.63 -3.01
C SER A 106 -17.41 -10.42 -2.35
N PRO A 107 -17.41 -9.27 -3.04
CA PRO A 107 -16.73 -8.10 -2.53
C PRO A 107 -17.40 -7.51 -1.30
N GLU A 108 -16.59 -6.97 -0.39
CA GLU A 108 -17.07 -6.22 0.76
C GLU A 108 -17.06 -4.76 0.33
N GLU A 109 -18.19 -4.09 0.41
CA GLU A 109 -18.32 -2.72 -0.13
C GLU A 109 -18.94 -1.71 0.84
N THR A 110 -19.73 -2.18 1.80
CA THR A 110 -20.40 -1.30 2.76
C THR A 110 -20.33 -1.94 4.15
N GLY A 111 -19.98 -1.13 5.15
CA GLY A 111 -19.99 -1.56 6.55
C GLY A 111 -18.87 -0.95 7.38
N THR A 112 -18.74 -1.43 8.62
CA THR A 112 -17.73 -0.92 9.54
C THR A 112 -16.36 -1.57 9.31
N VAL A 113 -15.32 -0.77 9.45
CA VAL A 113 -13.92 -1.19 9.17
C VAL A 113 -12.99 -1.06 10.38
N ALA A 114 -13.33 -0.19 11.33
CA ALA A 114 -12.48 0.05 12.48
C ALA A 114 -13.28 0.69 13.60
N VAL A 115 -12.86 0.43 14.83
CA VAL A 115 -13.43 1.12 16.00
C VAL A 115 -12.29 1.56 16.92
N VAL A 116 -12.33 2.82 17.34
CA VAL A 116 -11.40 3.35 18.32
C VAL A 116 -12.24 3.96 19.45
N GLY A 117 -11.70 3.99 20.66
CA GLY A 117 -12.38 4.63 21.79
C GLY A 117 -11.79 5.98 22.11
N PHE A 118 -12.62 6.90 22.57
CA PHE A 118 -12.17 8.19 23.10
C PHE A 118 -12.74 8.43 24.50
N LYS A 119 -11.87 8.49 25.50
CA LYS A 119 -12.29 8.77 26.87
C LYS A 119 -12.20 10.27 27.14
N ALA A 120 -13.25 10.84 27.72
CA ALA A 120 -13.25 12.27 28.01
C ALA A 120 -12.36 12.55 29.22
N LEU A 121 -11.33 13.36 29.01
CA LEU A 121 -10.49 13.86 30.08
C LEU A 121 -11.12 15.14 30.66
N GLN A 122 -11.69 15.95 29.78
CA GLN A 122 -12.48 17.13 30.16
C GLN A 122 -13.84 17.08 29.47
N LYS A 123 -14.86 17.59 30.14
CA LYS A 123 -16.16 17.83 29.50
C LYS A 123 -16.14 19.23 28.89
N LYS A 124 -15.86 19.26 27.59
CA LYS A 124 -15.52 20.50 26.88
C LYS A 124 -15.68 20.23 25.38
N ALA A 125 -16.23 21.20 24.66
CA ALA A 125 -16.49 21.04 23.23
C ALA A 125 -15.20 20.69 22.49
N THR A 126 -15.25 19.67 21.64
CA THR A 126 -14.05 19.21 20.93
C THR A 126 -14.36 18.50 19.60
N THR A 127 -13.38 18.55 18.70
CA THR A 127 -13.54 18.13 17.31
C THR A 127 -12.57 17.01 16.93
N VAL A 128 -13.09 16.00 16.26
CA VAL A 128 -12.28 14.92 15.70
C VAL A 128 -12.43 14.96 14.18
N VAL A 129 -11.30 14.95 13.45
CA VAL A 129 -11.34 14.89 11.99
C VAL A 129 -10.32 13.92 11.37
N PHE A 130 -10.69 13.39 10.22
CA PHE A 130 -9.70 12.85 9.28
C PHE A 130 -8.82 13.99 8.79
N GLU A 131 -7.50 13.80 8.80
CA GLU A 131 -6.57 14.88 8.49
C GLU A 131 -5.40 14.46 7.62
N HIS A 132 -5.09 15.27 6.61
CA HIS A 132 -3.91 15.08 5.76
C HIS A 132 -2.63 14.76 6.54
N SER A 133 -1.86 13.81 6.02
CA SER A 133 -0.54 13.51 6.55
C SER A 133 0.46 13.43 5.40
N VAL A 134 1.67 13.95 5.63
CA VAL A 134 2.76 13.84 4.66
C VAL A 134 3.17 12.39 4.44
N THR A 135 2.83 11.51 5.39
CA THR A 135 3.07 10.09 5.26
C THR A 135 2.09 9.41 4.29
N MET A 136 1.08 10.14 3.81
CA MET A 136 0.10 9.61 2.87
C MET A 136 -0.04 10.56 1.68
N PRO A 137 0.95 10.53 0.76
CA PRO A 137 1.10 11.50 -0.32
C PRO A 137 -0.17 11.82 -1.13
N ASN A 138 -0.94 10.81 -1.50
CA ASN A 138 -2.13 11.05 -2.29
C ASN A 138 -3.44 10.85 -1.51
N GLY A 139 -3.35 10.97 -0.18
CA GLY A 139 -4.54 10.86 0.68
C GLY A 139 -5.64 11.82 0.30
N ILE A 140 -6.88 11.37 0.43
CA ILE A 140 -8.06 12.21 0.20
C ILE A 140 -8.59 12.59 1.58
N ILE A 141 -8.35 13.84 1.97
CA ILE A 141 -8.55 14.32 3.34
C ILE A 141 -8.11 13.27 4.39
N GLY A 142 -6.89 12.79 4.25
CA GLY A 142 -6.30 11.87 5.21
C GLY A 142 -6.77 10.43 5.12
N THR A 143 -7.31 10.06 3.95
CA THR A 143 -7.78 8.68 3.70
C THR A 143 -7.25 8.12 2.38
N THR A 144 -6.92 6.83 2.39
CA THR A 144 -6.59 6.10 1.17
C THR A 144 -7.31 4.74 1.24
N LEU A 145 -8.17 4.50 0.26
CA LEU A 145 -8.92 3.25 0.15
C LEU A 145 -8.40 2.49 -1.06
N PHE A 146 -8.49 1.16 -1.01
CA PHE A 146 -7.97 0.31 -2.08
C PHE A 146 -8.99 -0.71 -2.56
N ASN A 147 -8.85 -1.11 -3.83
CA ASN A 147 -9.68 -2.15 -4.42
C ASN A 147 -8.95 -3.50 -4.45
N TRP A 148 -9.65 -4.54 -4.90
CA TRP A 148 -9.11 -5.90 -4.79
C TRP A 148 -8.14 -6.29 -5.91
N TYR A 149 -7.81 -5.34 -6.79
CA TYR A 149 -6.66 -5.46 -7.70
C TYR A 149 -5.40 -4.80 -7.11
N GLY A 150 -5.51 -4.26 -5.90
CA GLY A 150 -4.37 -3.67 -5.20
C GLY A 150 -4.11 -2.22 -5.57
N ASN A 151 -5.09 -1.58 -6.21
CA ASN A 151 -4.97 -0.20 -6.66
C ASN A 151 -5.69 0.77 -5.71
N ARG A 152 -5.14 1.97 -5.62
CA ARG A 152 -5.72 3.03 -4.82
C ARG A 152 -6.94 3.56 -5.55
N ILE A 153 -8.00 3.80 -4.79
CA ILE A 153 -9.21 4.40 -5.31
C ILE A 153 -8.99 5.92 -5.30
N THR A 154 -8.84 6.51 -6.49
CA THR A 154 -8.37 7.88 -6.63
C THR A 154 -9.49 8.92 -6.70
N SER A 155 -10.73 8.48 -6.92
CA SER A 155 -11.87 9.39 -6.91
C SER A 155 -13.18 8.64 -6.66
N GLY A 156 -14.27 9.40 -6.54
CA GLY A 156 -15.61 8.82 -6.47
C GLY A 156 -16.19 8.56 -5.08
N TYR A 157 -15.50 8.97 -4.02
CA TYR A 157 -16.07 8.88 -2.68
C TYR A 157 -15.90 10.17 -1.87
N SER A 158 -16.83 10.40 -0.93
CA SER A 158 -16.78 11.54 -0.01
C SER A 158 -16.13 11.14 1.32
N VAL A 159 -15.44 12.10 1.95
CA VAL A 159 -14.97 11.95 3.32
C VAL A 159 -15.88 12.81 4.18
N ILE A 160 -16.70 12.14 5.00
CA ILE A 160 -17.69 12.83 5.83
C ILE A 160 -17.18 12.88 7.26
N GLN A 161 -16.85 14.09 7.71
CA GLN A 161 -16.31 14.30 9.04
C GLN A 161 -17.44 14.13 10.07
N PRO A 162 -17.10 13.66 11.27
CA PRO A 162 -18.12 13.48 12.31
C PRO A 162 -18.60 14.79 12.93
N GLY A 163 -19.69 14.70 13.69
CA GLY A 163 -20.20 15.83 14.46
C GLY A 163 -19.31 16.16 15.64
N GLU A 164 -19.55 17.32 16.24
CA GLU A 164 -18.80 17.76 17.42
C GLU A 164 -19.12 16.90 18.64
N ILE A 165 -18.17 16.80 19.57
CA ILE A 165 -18.37 16.11 20.85
C ILE A 165 -18.53 17.13 21.99
N ASN A 166 -19.55 16.93 22.82
CA ASN A 166 -19.84 17.79 23.98
C ASN A 166 -20.03 19.27 23.62
N SER A 167 -20.93 19.54 22.68
CA SER A 167 -21.14 20.89 22.16
C SER A 167 -21.83 21.83 23.16
N GLU A 168 -22.73 21.25 23.97
CA GLU A 168 -23.76 21.94 24.75
C GLU A 168 -25.11 21.84 24.01
N GLY B 1 26.32 -8.11 -34.71
CA GLY B 1 25.13 -8.81 -35.26
C GLY B 1 23.88 -7.95 -35.22
N THR B 2 23.04 -8.17 -34.22
CA THR B 2 21.72 -7.55 -34.15
C THR B 2 21.53 -6.73 -32.87
N THR B 3 20.49 -5.91 -32.85
CA THR B 3 20.12 -5.15 -31.67
C THR B 3 18.83 -5.72 -31.07
N VAL B 4 18.88 -6.10 -29.80
CA VAL B 4 17.70 -6.49 -29.05
C VAL B 4 17.30 -5.30 -28.15
N SER B 5 16.07 -4.82 -28.30
CA SER B 5 15.57 -3.68 -27.54
C SER B 5 14.18 -3.92 -26.93
N GLY B 6 13.73 -2.99 -26.08
CA GLY B 6 12.38 -3.07 -25.51
C GLY B 6 12.15 -2.15 -24.32
N TYR B 7 11.01 -2.34 -23.67
CA TYR B 7 10.59 -1.52 -22.54
C TYR B 7 10.22 -2.37 -21.33
N ILE B 8 10.74 -1.99 -20.16
CA ILE B 8 10.38 -2.58 -18.88
C ILE B 8 9.63 -1.51 -18.06
N ASN B 9 8.52 -1.89 -17.43
CA ASN B 9 7.78 -1.03 -16.51
C ASN B 9 7.49 -1.80 -15.20
N PRO B 10 7.52 -1.11 -14.05
CA PRO B 10 7.06 -1.79 -12.82
C PRO B 10 5.55 -1.98 -12.85
N ASP B 11 5.04 -3.04 -12.23
CA ASP B 11 3.60 -3.28 -12.19
C ASP B 11 2.90 -2.51 -11.03
N PHE B 12 2.87 -1.19 -11.17
CA PHE B 12 2.07 -0.32 -10.30
C PHE B 12 1.97 1.07 -10.94
N VAL B 13 0.95 1.81 -10.54
CA VAL B 13 0.67 3.12 -11.15
C VAL B 13 1.70 4.17 -10.69
N THR B 14 2.15 5.00 -11.63
CA THR B 14 3.18 6.01 -11.34
C THR B 14 2.67 7.41 -11.66
N THR B 15 3.50 8.41 -11.39
CA THR B 15 3.25 9.80 -11.79
C THR B 15 4.43 10.34 -12.57
N SER B 16 4.29 11.57 -13.07
CA SER B 16 5.35 12.24 -13.80
C SER B 16 6.64 12.32 -13.00
N THR B 17 6.51 12.48 -11.68
CA THR B 17 7.67 12.64 -10.82
C THR B 17 8.31 11.29 -10.48
N THR B 18 7.49 10.25 -10.28
CA THR B 18 8.01 8.95 -9.84
C THR B 18 8.42 8.02 -10.99
N ALA B 19 7.76 8.13 -12.14
CA ALA B 19 8.01 7.23 -13.26
C ALA B 19 9.50 7.14 -13.69
N PRO B 20 10.15 8.29 -13.94
CA PRO B 20 11.57 8.28 -14.33
C PRO B 20 12.53 7.61 -13.35
N ILE B 21 12.19 7.60 -12.05
CA ILE B 21 13.00 6.88 -11.07
C ILE B 21 12.68 5.37 -11.08
N VAL B 22 11.41 5.02 -11.06
CA VAL B 22 11.02 3.59 -10.97
C VAL B 22 11.15 2.79 -12.27
N LYS B 23 11.14 3.47 -13.41
CA LYS B 23 11.33 2.79 -14.71
C LYS B 23 12.78 2.52 -15.07
N ALA B 24 13.69 3.29 -14.46
CA ALA B 24 15.12 3.12 -14.68
C ALA B 24 15.67 2.02 -13.79
N GLY B 25 16.81 1.46 -14.20
CA GLY B 25 17.59 0.59 -13.35
C GLY B 25 17.32 -0.89 -13.44
N PHE B 26 16.42 -1.32 -14.34
CA PHE B 26 16.22 -2.75 -14.58
C PHE B 26 17.36 -3.26 -15.47
N THR B 27 18.01 -4.35 -15.05
CA THR B 27 19.09 -4.96 -15.81
C THR B 27 18.55 -6.12 -16.63
N VAL B 28 18.78 -6.06 -17.94
CA VAL B 28 18.29 -7.05 -18.87
C VAL B 28 19.49 -7.78 -19.45
N GLU B 29 19.55 -9.09 -19.21
CA GLU B 29 20.67 -9.93 -19.61
C GLU B 29 20.20 -10.92 -20.65
N ILE B 30 21.01 -11.15 -21.68
CA ILE B 30 20.78 -12.23 -22.63
C ILE B 30 21.62 -13.43 -22.16
N VAL B 31 20.96 -14.33 -21.43
CA VAL B 31 21.63 -15.47 -20.80
C VAL B 31 22.34 -16.27 -21.88
N GLY B 32 23.58 -16.68 -21.60
CA GLY B 32 24.41 -17.39 -22.57
C GLY B 32 25.41 -16.47 -23.23
N THR B 33 25.16 -15.17 -23.16
CA THR B 33 26.13 -14.15 -23.55
C THR B 33 26.54 -13.39 -22.29
N THR B 34 27.51 -12.50 -22.43
CA THR B 34 27.84 -11.56 -21.36
C THR B 34 27.27 -10.19 -21.69
N LYS B 35 26.19 -10.17 -22.45
CA LYS B 35 25.62 -8.92 -22.92
C LYS B 35 24.41 -8.56 -22.07
N SER B 36 24.43 -7.32 -21.58
CA SER B 36 23.36 -6.78 -20.75
C SER B 36 23.10 -5.31 -21.08
N ALA B 37 22.08 -4.74 -20.44
CA ALA B 37 21.78 -3.33 -20.53
C ALA B 37 20.89 -2.92 -19.37
N VAL B 38 20.95 -1.64 -19.01
CA VAL B 38 20.10 -1.11 -17.95
C VAL B 38 19.09 -0.16 -18.56
N THR B 39 17.84 -0.23 -18.10
CA THR B 39 16.79 0.62 -18.65
C THR B 39 17.02 2.08 -18.26
N ASP B 40 16.67 3.00 -19.17
CA ASP B 40 16.70 4.44 -18.89
C ASP B 40 15.42 4.88 -18.16
N SER B 41 15.22 6.20 -18.02
CA SER B 41 14.06 6.71 -17.29
C SER B 41 12.73 6.48 -18.02
N ASN B 42 12.79 6.14 -19.30
CA ASN B 42 11.60 5.75 -20.05
C ASN B 42 11.37 4.24 -20.01
N GLY B 43 12.21 3.51 -19.26
CA GLY B 43 12.13 2.05 -19.19
C GLY B 43 12.74 1.35 -20.40
N TYR B 44 13.45 2.10 -21.24
CA TYR B 44 13.98 1.57 -22.50
C TYR B 44 15.37 0.97 -22.35
N PHE B 45 15.58 -0.20 -22.94
CA PHE B 45 16.91 -0.82 -23.00
C PHE B 45 17.31 -1.18 -24.42
N GLU B 46 18.62 -1.26 -24.65
CA GLU B 46 19.17 -1.58 -25.95
C GLU B 46 20.45 -2.39 -25.80
N ILE B 47 20.49 -3.59 -26.37
CA ILE B 47 21.69 -4.42 -26.34
C ILE B 47 22.15 -4.67 -27.78
N LYS B 48 23.37 -4.25 -28.10
CA LYS B 48 23.90 -4.31 -29.45
C LYS B 48 24.79 -5.52 -29.64
N ASP B 49 25.11 -5.81 -30.90
CA ASP B 49 26.05 -6.88 -31.29
C ASP B 49 25.65 -8.27 -30.78
N VAL B 50 24.35 -8.53 -30.74
CA VAL B 50 23.86 -9.82 -30.28
C VAL B 50 23.89 -10.81 -31.45
N ALA B 51 24.44 -11.99 -31.20
CA ALA B 51 24.50 -13.03 -32.22
C ALA B 51 23.13 -13.66 -32.39
N ALA B 52 22.80 -13.98 -33.64
CA ALA B 52 21.57 -14.68 -33.98
C ALA B 52 21.52 -16.03 -33.26
N GLY B 53 20.34 -16.39 -32.79
CA GLY B 53 20.17 -17.58 -31.94
C GLY B 53 18.94 -17.44 -31.05
N THR B 54 18.72 -18.44 -30.21
CA THR B 54 17.57 -18.47 -29.31
C THR B 54 18.02 -18.45 -27.86
N TYR B 55 17.43 -17.57 -27.06
CA TYR B 55 17.91 -17.24 -25.73
C TYR B 55 16.80 -17.15 -24.70
N THR B 56 17.22 -17.30 -23.44
CA THR B 56 16.42 -16.86 -22.32
C THR B 56 16.89 -15.45 -21.98
N VAL B 57 15.94 -14.52 -21.80
CA VAL B 57 16.26 -13.17 -21.36
C VAL B 57 15.87 -13.02 -19.88
N LYS B 58 16.81 -12.54 -19.06
CA LYS B 58 16.58 -12.43 -17.62
C LYS B 58 16.58 -10.97 -17.18
N ILE B 59 15.58 -10.60 -16.37
CA ILE B 59 15.41 -9.22 -15.93
C ILE B 59 15.46 -9.18 -14.41
N THR B 60 16.32 -8.31 -13.88
CA THR B 60 16.53 -8.22 -12.44
C THR B 60 16.55 -6.76 -11.99
N LYS B 61 16.15 -6.54 -10.74
CA LYS B 61 16.30 -5.24 -10.08
C LYS B 61 16.11 -5.47 -8.59
N ALA B 62 16.90 -4.76 -7.78
CA ALA B 62 16.82 -4.86 -6.33
C ALA B 62 15.38 -4.68 -5.89
N ASN B 63 14.92 -5.58 -5.01
CA ASN B 63 13.56 -5.58 -4.48
C ASN B 63 12.42 -5.89 -5.47
N TYR B 64 12.76 -6.45 -6.63
CA TYR B 64 11.80 -6.95 -7.62
C TYR B 64 12.00 -8.44 -7.84
N LEU B 65 10.91 -9.14 -8.14
CA LEU B 65 10.96 -10.57 -8.43
C LEU B 65 11.59 -10.79 -9.81
N THR B 66 12.69 -11.53 -9.83
CA THR B 66 13.42 -11.80 -11.05
C THR B 66 12.52 -12.48 -12.09
N ARG B 67 12.63 -12.04 -13.33
CA ARG B 67 11.84 -12.58 -14.43
C ARG B 67 12.75 -13.26 -15.46
N GLU B 68 12.28 -14.38 -16.01
CA GLU B 68 12.95 -15.04 -17.12
C GLU B 68 11.97 -15.18 -18.27
N ILE B 69 12.40 -14.79 -19.47
CA ILE B 69 11.60 -14.93 -20.65
C ILE B 69 12.27 -15.97 -21.53
N ALA B 70 11.60 -17.10 -21.72
CA ALA B 70 12.15 -18.22 -22.49
C ALA B 70 11.92 -18.07 -23.98
N ASN B 71 12.70 -18.81 -24.78
CA ASN B 71 12.47 -18.94 -26.21
C ASN B 71 12.40 -17.60 -26.95
N VAL B 72 13.34 -16.71 -26.64
CA VAL B 72 13.47 -15.45 -27.37
C VAL B 72 14.32 -15.72 -28.60
N SER B 73 13.66 -15.74 -29.75
CA SER B 73 14.28 -16.13 -31.01
C SER B 73 14.76 -14.88 -31.73
N VAL B 74 16.06 -14.78 -31.97
CA VAL B 74 16.65 -13.60 -32.59
C VAL B 74 17.26 -13.95 -33.95
N THR B 75 16.64 -13.43 -35.01
CA THR B 75 17.13 -13.62 -36.40
C THR B 75 17.57 -12.32 -37.08
N ALA B 76 17.19 -11.19 -36.48
CA ALA B 76 17.54 -9.84 -36.94
C ALA B 76 17.23 -8.90 -35.79
N ASP B 77 17.31 -7.59 -36.01
CA ASP B 77 16.94 -6.63 -34.98
C ASP B 77 15.56 -7.01 -34.44
N LYS B 78 15.41 -7.04 -33.11
CA LYS B 78 14.19 -7.49 -32.47
C LYS B 78 13.77 -6.61 -31.31
N GLU B 79 12.50 -6.21 -31.32
CA GLU B 79 11.89 -5.48 -30.22
C GLU B 79 11.10 -6.44 -29.33
N LEU B 80 11.57 -6.66 -28.10
CA LEU B 80 10.91 -7.57 -27.17
C LEU B 80 9.60 -7.06 -26.67
N SER B 81 9.45 -5.74 -26.58
CA SER B 81 8.25 -5.13 -26.05
C SER B 81 8.16 -3.69 -26.56
N THR B 82 7.04 -3.03 -26.29
CA THR B 82 6.83 -1.64 -26.74
C THR B 82 6.47 -0.75 -25.56
N SER B 83 6.45 0.56 -25.77
CA SER B 83 6.12 1.49 -24.68
C SER B 83 4.67 1.34 -24.21
N ALA B 84 3.76 1.05 -25.14
CA ALA B 84 2.34 0.82 -24.80
C ALA B 84 2.10 -0.58 -24.22
N SER B 85 2.95 -1.54 -24.56
CA SER B 85 2.84 -2.90 -24.06
C SER B 85 4.21 -3.38 -23.54
N PRO B 86 4.67 -2.84 -22.41
CA PRO B 86 5.97 -3.19 -21.86
C PRO B 86 5.96 -4.54 -21.15
N ILE B 87 7.15 -5.04 -20.85
CA ILE B 87 7.30 -6.17 -19.92
C ILE B 87 7.15 -5.62 -18.51
N LEU B 88 6.24 -6.22 -17.75
CA LEU B 88 6.01 -5.79 -16.38
C LEU B 88 6.90 -6.56 -15.41
N MET B 89 7.40 -5.85 -14.39
CA MET B 89 8.18 -6.44 -13.30
C MET B 89 7.47 -6.22 -11.96
N TRP B 90 7.43 -7.25 -11.12
CA TRP B 90 6.67 -7.20 -9.85
C TRP B 90 7.55 -6.81 -8.66
N ALA B 91 7.29 -5.64 -8.09
CA ALA B 91 8.00 -5.18 -6.89
C ALA B 91 7.58 -5.99 -5.67
N GLY B 92 8.49 -6.11 -4.71
CA GLY B 92 8.15 -6.70 -3.41
C GLY B 92 8.76 -8.05 -3.08
N ASP B 93 9.73 -8.54 -3.87
CA ASP B 93 10.65 -9.56 -3.37
C ASP B 93 11.85 -8.83 -2.78
N MET B 94 11.80 -8.61 -1.47
CA MET B 94 12.68 -7.69 -0.77
C MET B 94 14.00 -8.33 -0.35
N ALA B 95 15.07 -7.53 -0.36
CA ALA B 95 16.34 -7.96 0.20
C ALA B 95 16.26 -8.03 1.73
N ILE B 96 16.27 -9.26 2.24
CA ILE B 96 16.17 -9.54 3.67
C ILE B 96 17.37 -10.41 4.03
N GLY B 97 18.17 -9.95 4.98
CA GLY B 97 19.45 -10.59 5.29
C GLY B 97 20.43 -10.45 4.14
N GLY B 98 20.31 -9.36 3.37
CA GLY B 98 21.15 -9.11 2.21
C GLY B 98 20.93 -10.04 1.02
N THR B 99 19.72 -10.60 0.92
CA THR B 99 19.38 -11.55 -0.15
C THR B 99 17.87 -11.65 -0.39
N GLN B 100 17.50 -11.74 -1.67
CA GLN B 100 16.12 -12.01 -2.06
C GLN B 100 15.92 -13.51 -2.20
N ASP B 101 14.71 -14.00 -1.97
CA ASP B 101 14.46 -15.44 -1.99
C ASP B 101 13.59 -15.90 -3.17
N GLY B 102 13.23 -15.00 -4.08
CA GLY B 102 12.47 -15.37 -5.28
C GLY B 102 11.03 -15.76 -5.00
N ALA B 103 10.48 -15.23 -3.90
CA ALA B 103 9.08 -15.37 -3.58
C ALA B 103 8.59 -14.05 -3.01
N ILE B 104 7.33 -13.73 -3.29
CA ILE B 104 6.66 -12.58 -2.69
C ILE B 104 5.69 -13.13 -1.65
N ASN B 105 5.98 -12.92 -0.37
CA ASN B 105 5.16 -13.49 0.70
C ASN B 105 5.08 -12.56 1.93
N LEU B 106 4.68 -13.09 3.08
CA LEU B 106 4.48 -12.28 4.29
C LEU B 106 5.77 -11.59 4.75
N GLU B 107 6.90 -12.27 4.62
CA GLU B 107 8.19 -11.73 5.09
C GLU B 107 8.52 -10.43 4.36
N ASP B 108 8.19 -10.39 3.07
CA ASP B 108 8.38 -9.19 2.26
C ASP B 108 7.52 -8.05 2.76
N ILE B 109 6.26 -8.37 3.08
CA ILE B 109 5.34 -7.39 3.68
C ILE B 109 5.87 -6.93 5.03
N LEU B 110 6.31 -7.86 5.88
CA LEU B 110 6.82 -7.49 7.20
C LEU B 110 8.06 -6.60 7.11
N GLU B 111 8.86 -6.81 6.08
CA GLU B 111 10.06 -6.01 5.88
C GLU B 111 9.71 -4.54 5.66
N ILE B 112 8.68 -4.29 4.86
CA ILE B 112 8.19 -2.93 4.60
C ILE B 112 7.58 -2.32 5.87
N CYS B 113 6.84 -3.13 6.62
CA CYS B 113 6.15 -2.68 7.81
C CYS B 113 7.08 -2.24 8.94
N LYS B 114 8.36 -2.61 8.88
CA LYS B 114 9.35 -2.10 9.82
C LYS B 114 9.44 -0.56 9.83
N ALA B 115 9.10 0.08 8.71
CA ALA B 115 9.09 1.54 8.64
C ALA B 115 7.73 2.09 8.19
N PHE B 116 6.65 1.42 8.58
CA PHE B 116 5.31 1.79 8.13
C PHE B 116 4.90 3.17 8.63
N ASN B 117 4.24 3.92 7.77
CA ASN B 117 3.79 5.28 8.06
C ASN B 117 4.93 6.25 8.31
N THR B 118 5.89 6.29 7.41
CA THR B 118 6.99 7.25 7.48
C THR B 118 7.12 7.97 6.15
N SER B 119 7.73 9.15 6.19
CA SER B 119 8.09 9.85 4.97
C SER B 119 9.61 10.05 4.93
N SER B 120 10.11 10.49 3.79
CA SER B 120 11.54 10.52 3.51
C SER B 120 12.41 11.31 4.50
N THR B 121 11.82 12.29 5.20
CA THR B 121 12.55 13.07 6.21
C THR B 121 12.73 12.34 7.54
N ASP B 122 11.94 11.30 7.78
CA ASP B 122 12.08 10.51 9.00
C ASP B 122 13.36 9.67 8.93
N ALA B 123 14.05 9.54 10.06
CA ALA B 123 15.24 8.70 10.16
C ALA B 123 14.92 7.22 9.90
N LYS B 124 13.74 6.78 10.34
CA LYS B 124 13.31 5.39 10.18
C LYS B 124 12.98 5.01 8.73
N TYR B 125 12.68 6.00 7.88
CA TYR B 125 12.39 5.74 6.48
C TYR B 125 13.60 5.18 5.72
N GLN B 126 13.36 4.15 4.92
CA GLN B 126 14.39 3.59 4.03
C GLN B 126 13.85 3.58 2.61
N VAL B 127 14.56 4.26 1.70
CA VAL B 127 14.07 4.43 0.33
C VAL B 127 13.72 3.11 -0.36
N GLY B 128 14.46 2.04 -0.05
CA GLY B 128 14.17 0.71 -0.59
C GLY B 128 12.80 0.14 -0.26
N LEU B 129 12.25 0.52 0.88
CA LEU B 129 10.94 0.04 1.31
C LEU B 129 9.81 0.86 0.69
N ASP B 130 10.16 2.07 0.22
CA ASP B 130 9.25 2.92 -0.54
C ASP B 130 9.23 2.43 -1.98
N LEU B 131 8.43 1.40 -2.24
CA LEU B 131 8.40 0.72 -3.53
C LEU B 131 8.01 1.62 -4.70
N ASN B 132 6.97 2.43 -4.53
CA ASN B 132 6.55 3.34 -5.61
C ASN B 132 7.28 4.69 -5.63
N ARG B 133 8.27 4.85 -4.75
CA ARG B 133 9.12 6.05 -4.64
C ARG B 133 8.35 7.38 -4.57
N ASP B 134 7.22 7.39 -3.88
CA ASP B 134 6.47 8.64 -3.67
C ASP B 134 6.92 9.41 -2.43
N GLY B 135 7.99 8.95 -1.78
CA GLY B 135 8.57 9.64 -0.62
C GLY B 135 7.89 9.31 0.69
N ALA B 136 7.12 8.22 0.70
CA ALA B 136 6.42 7.75 1.89
C ALA B 136 6.36 6.22 1.88
N ILE B 137 6.28 5.63 3.06
CA ILE B 137 6.05 4.20 3.19
C ILE B 137 4.68 4.10 3.84
N SER B 138 3.70 3.65 3.05
CA SER B 138 2.29 3.70 3.43
C SER B 138 1.61 2.43 2.93
N LEU B 139 0.28 2.38 3.04
CA LEU B 139 -0.48 1.19 2.61
C LEU B 139 -0.32 0.91 1.11
N GLU B 140 -0.13 1.95 0.30
CA GLU B 140 0.13 1.76 -1.14
C GLU B 140 1.27 0.80 -1.42
N ASP B 141 2.37 0.97 -0.69
CA ASP B 141 3.55 0.12 -0.86
C ASP B 141 3.23 -1.32 -0.50
N VAL B 142 2.49 -1.50 0.60
CA VAL B 142 2.07 -2.83 1.04
C VAL B 142 1.13 -3.49 0.02
N MET B 143 0.18 -2.73 -0.53
CA MET B 143 -0.79 -3.27 -1.51
C MET B 143 -0.12 -3.63 -2.83
N ILE B 144 0.97 -2.94 -3.18
CA ILE B 144 1.76 -3.32 -4.35
C ILE B 144 2.27 -4.75 -4.22
N VAL B 145 2.77 -5.08 -3.04
CA VAL B 145 3.27 -6.43 -2.77
C VAL B 145 2.09 -7.41 -2.81
N ALA B 146 0.97 -7.02 -2.19
CA ALA B 146 -0.24 -7.86 -2.16
C ALA B 146 -0.78 -8.22 -3.55
N LYS B 147 -0.51 -7.38 -4.57
CA LYS B 147 -0.89 -7.68 -5.96
C LYS B 147 -0.46 -9.07 -6.43
N HIS B 148 0.71 -9.50 -5.96
CA HIS B 148 1.28 -10.77 -6.37
C HIS B 148 1.67 -11.61 -5.15
N PHE B 149 0.88 -11.51 -4.09
CA PHE B 149 1.13 -12.23 -2.85
C PHE B 149 1.17 -13.74 -3.12
N GLY B 150 2.19 -14.42 -2.59
CA GLY B 150 2.31 -15.87 -2.72
C GLY B 150 2.85 -16.33 -4.07
N LYS B 151 3.41 -15.42 -4.87
CA LYS B 151 3.96 -15.79 -6.18
C LYS B 151 5.48 -15.96 -6.18
N VAL B 152 5.96 -16.71 -7.17
CA VAL B 152 7.39 -16.95 -7.37
C VAL B 152 7.73 -16.63 -8.82
N SER B 153 9.00 -16.71 -9.20
CA SER B 153 9.43 -16.24 -10.53
C SER B 153 8.77 -17.00 -11.69
N SER B 154 8.49 -18.29 -11.51
CA SER B 154 7.88 -19.09 -12.58
C SER B 154 6.39 -18.75 -12.84
N ASP B 155 5.80 -17.87 -12.02
CA ASP B 155 4.39 -17.47 -12.21
C ASP B 155 4.21 -16.32 -13.21
N TYR B 156 5.29 -15.63 -13.59
CA TYR B 156 5.23 -14.58 -14.63
C TYR B 156 4.69 -15.13 -15.94
CA CA C . 10.75 -12.54 -0.78
CA CA D . 5.50 4.73 -1.18
#